data_4PRY
#
_entry.id   4PRY
#
_cell.length_a   69.041
_cell.length_b   84.433
_cell.length_c   96.127
_cell.angle_alpha   90.00
_cell.angle_beta   90.00
_cell.angle_gamma   90.00
#
_symmetry.space_group_name_H-M   'I 2 2 2'
#
loop_
_entity.id
_entity.type
_entity.pdbx_description
1 polymer Caspase-3
2 polymer Ac-LETD-CHO
3 water water
#
loop_
_entity_poly.entity_id
_entity_poly.type
_entity_poly.pdbx_seq_one_letter_code
_entity_poly.pdbx_strand_id
1 'polypeptide(L)'
;MENTENSVDSKSIKNLEPKIIHGSESMDSGISLDNSYKMDYPEMGLCIIINNKNFHKSTGMTSRSGTDVDAANLRETFRN
LKYEVRNKNDLTREEIVELMRDVSKEDHSKRSSFVCVLLSHGEEGIIFGTNGPVDLKKITNFFRGDRCRSLTGKPKLFII
QACRGTELDCGIETDSGVDDDMACHKIPVEADFLYAYSTAPGYYSWRNSKDGSWFIQSLCAMLKQYADKLEFMHILTRVN
RKVATEFESFSFDATFHAKKQIPCIVSMLTKELYFYHQLHHHHHH
;
A
2 'polypeptide(L)' (ACE)LET(ASA) B
#
loop_
_chem_comp.id
_chem_comp.type
_chem_comp.name
_chem_comp.formula
ACE non-polymer 'ACETYL GROUP' 'C2 H4 O'
#
# COMPACT_ATOMS: atom_id res chain seq x y z
N SER A 29 -34.82 -15.61 -2.86
CA SER A 29 -34.75 -14.43 -2.02
C SER A 29 -35.10 -13.18 -2.82
N GLY A 30 -34.91 -12.01 -2.24
CA GLY A 30 -35.20 -10.77 -2.94
C GLY A 30 -34.11 -10.34 -3.91
N ILE A 31 -34.25 -9.13 -4.42
CA ILE A 31 -33.30 -8.55 -5.37
C ILE A 31 -31.90 -8.55 -4.80
N SER A 32 -30.92 -8.99 -5.58
CA SER A 32 -29.55 -9.00 -5.07
C SER A 32 -28.66 -8.14 -5.96
N LEU A 33 -27.72 -7.45 -5.32
CA LEU A 33 -26.77 -6.60 -6.05
C LEU A 33 -25.38 -7.13 -5.77
N ASP A 34 -24.47 -6.84 -6.71
CA ASP A 34 -23.12 -7.36 -6.64
C ASP A 34 -22.07 -6.23 -6.77
N ASN A 35 -22.29 -5.12 -6.07
CA ASN A 35 -21.46 -3.95 -6.29
C ASN A 35 -20.29 -3.84 -5.32
N SER A 36 -20.23 -4.72 -4.32
CA SER A 36 -19.18 -4.68 -3.31
CA SER A 36 -19.12 -4.67 -3.38
C SER A 36 -18.50 -6.04 -3.12
N TYR A 37 -17.22 -6.03 -2.83
CA TYR A 37 -16.50 -7.27 -2.58
C TYR A 37 -17.07 -7.96 -1.35
N LYS A 38 -17.15 -9.28 -1.41
CA LYS A 38 -17.58 -10.06 -0.25
C LYS A 38 -16.48 -10.00 0.83
N MET A 39 -16.80 -9.45 2.01
CA MET A 39 -15.74 -9.29 3.02
C MET A 39 -16.09 -10.02 4.30
N ASP A 40 -16.95 -11.03 4.19
CA ASP A 40 -17.37 -11.77 5.36
C ASP A 40 -16.94 -13.24 5.28
N TYR A 41 -15.81 -13.51 4.62
CA TYR A 41 -15.13 -14.78 4.79
C TYR A 41 -14.70 -14.94 6.26
N PRO A 42 -14.38 -16.16 6.69
CA PRO A 42 -13.96 -16.36 8.07
C PRO A 42 -12.79 -15.48 8.53
N GLU A 43 -11.86 -15.16 7.64
CA GLU A 43 -10.75 -14.25 7.95
C GLU A 43 -10.74 -13.06 7.01
N MET A 44 -10.32 -11.89 7.50
CA MET A 44 -10.15 -10.77 6.59
C MET A 44 -8.99 -11.00 5.62
N GLY A 45 -7.94 -11.66 6.10
CA GLY A 45 -6.78 -11.91 5.25
C GLY A 45 -5.48 -11.52 5.94
N LEU A 46 -4.37 -11.72 5.23
CA LEU A 46 -3.08 -11.30 5.72
C LEU A 46 -2.84 -9.84 5.46
N CYS A 47 -2.04 -9.25 6.36
CA CYS A 47 -1.49 -7.95 6.09
C CYS A 47 0.03 -8.12 6.28
N ILE A 48 0.79 -8.14 5.19
CA ILE A 48 2.25 -8.32 5.30
C ILE A 48 2.88 -6.96 5.34
N ILE A 49 3.72 -6.69 6.34
CA ILE A 49 4.38 -5.38 6.39
C ILE A 49 5.88 -5.57 6.23
N ILE A 50 6.47 -5.04 5.16
CA ILE A 50 7.91 -5.18 5.00
C ILE A 50 8.51 -3.85 5.39
N ASN A 51 9.27 -3.85 6.47
CA ASN A 51 9.76 -2.62 7.09
C ASN A 51 11.25 -2.60 6.94
N ASN A 52 11.73 -1.87 5.92
CA ASN A 52 13.18 -1.83 5.73
C ASN A 52 13.77 -0.54 6.26
N LYS A 53 14.56 -0.67 7.32
CA LYS A 53 15.09 0.51 7.99
C LYS A 53 16.58 0.68 7.73
N ASN A 54 17.32 -0.43 7.86
CA ASN A 54 18.79 -0.41 7.80
C ASN A 54 19.28 -1.13 6.55
N PHE A 55 20.14 -0.47 5.80
CA PHE A 55 20.57 -0.98 4.49
C PHE A 55 22.03 -1.34 4.53
N HIS A 56 22.41 -2.30 3.70
CA HIS A 56 23.82 -2.69 3.62
C HIS A 56 24.69 -1.48 3.24
N LYS A 57 25.85 -1.36 3.87
CA LYS A 57 26.73 -0.20 3.65
C LYS A 57 27.08 0.02 2.18
N SER A 58 27.28 -1.06 1.43
CA SER A 58 27.65 -0.95 0.02
C SER A 58 26.60 -0.37 -0.95
N THR A 59 25.34 -0.27 -0.50
CA THR A 59 24.30 0.32 -1.31
C THR A 59 24.35 1.84 -1.25
N GLY A 60 24.99 2.35 -0.20
CA GLY A 60 25.03 3.77 0.07
C GLY A 60 23.67 4.39 0.40
N MET A 61 22.77 3.56 0.94
CA MET A 61 21.45 4.03 1.34
C MET A 61 21.36 4.32 2.83
N THR A 62 20.69 5.43 3.15
CA THR A 62 20.65 5.90 4.52
C THR A 62 19.58 5.17 5.32
N SER A 63 19.78 5.14 6.62
CA SER A 63 18.80 4.57 7.54
CA SER A 63 18.79 4.56 7.52
C SER A 63 17.50 5.38 7.53
N ARG A 64 16.38 4.69 7.50
CA ARG A 64 15.08 5.36 7.39
C ARG A 64 14.46 5.64 8.76
N SER A 65 15.02 6.61 9.48
CA SER A 65 14.48 7.02 10.76
C SER A 65 12.98 7.31 10.72
N GLY A 66 12.25 6.79 11.69
CA GLY A 66 10.82 6.99 11.78
C GLY A 66 10.05 5.82 11.21
N THR A 67 10.70 4.93 10.47
CA THR A 67 9.91 3.89 9.82
C THR A 67 9.34 2.89 10.83
N ASP A 68 9.96 2.74 12.02
CA ASP A 68 9.39 1.83 13.03
C ASP A 68 8.08 2.38 13.59
N VAL A 69 7.99 3.72 13.65
CA VAL A 69 6.75 4.36 14.07
C VAL A 69 5.65 3.99 13.07
N ASP A 70 5.96 4.09 11.77
CA ASP A 70 4.99 3.70 10.73
C ASP A 70 4.59 2.23 10.88
N ALA A 71 5.60 1.39 11.00
CA ALA A 71 5.33 -0.04 11.08
C ALA A 71 4.42 -0.38 12.26
N ALA A 72 4.64 0.27 13.39
CA ALA A 72 3.83 0.02 14.58
C ALA A 72 2.41 0.55 14.39
N ASN A 73 2.31 1.71 13.74
CA ASN A 73 1.00 2.34 13.49
C ASN A 73 0.16 1.43 12.59
N LEU A 74 0.81 0.91 11.57
CA LEU A 74 0.12 0.01 10.62
C LEU A 74 -0.31 -1.29 11.29
N ARG A 75 0.56 -1.86 12.11
CA ARG A 75 0.22 -3.09 12.78
CA ARG A 75 0.23 -3.10 12.81
C ARG A 75 -1.02 -2.88 13.64
N GLU A 76 -1.05 -1.79 14.39
CA GLU A 76 -2.21 -1.51 15.25
C GLU A 76 -3.49 -1.26 14.42
N THR A 77 -3.35 -0.48 13.36
CA THR A 77 -4.49 -0.13 12.51
C THR A 77 -5.08 -1.37 11.85
N PHE A 78 -4.23 -2.21 11.28
CA PHE A 78 -4.80 -3.37 10.59
C PHE A 78 -5.22 -4.46 11.57
N ARG A 79 -4.63 -4.50 12.76
CA ARG A 79 -5.14 -5.36 13.83
C ARG A 79 -6.61 -5.03 14.14
N ASN A 80 -6.93 -3.74 14.22
CA ASN A 80 -8.29 -3.36 14.56
C ASN A 80 -9.28 -3.56 13.42
N LEU A 81 -8.75 -3.75 12.22
CA LEU A 81 -9.58 -4.19 11.07
C LEU A 81 -9.65 -5.71 10.93
N LYS A 82 -9.00 -6.42 11.85
CA LYS A 82 -9.05 -7.87 11.99
C LYS A 82 -8.23 -8.58 10.91
N TYR A 83 -7.18 -7.92 10.41
CA TYR A 83 -6.19 -8.62 9.60
C TYR A 83 -5.16 -9.37 10.44
N GLU A 84 -4.66 -10.46 9.88
CA GLU A 84 -3.56 -11.22 10.45
C GLU A 84 -2.28 -10.50 10.03
N VAL A 85 -1.69 -9.70 10.92
CA VAL A 85 -0.54 -8.89 10.54
C VAL A 85 0.74 -9.64 10.73
N ARG A 86 1.58 -9.66 9.69
CA ARG A 86 2.91 -10.24 9.80
C ARG A 86 3.94 -9.18 9.44
N ASN A 87 4.77 -8.82 10.41
CA ASN A 87 5.79 -7.79 10.19
CA ASN A 87 5.79 -7.82 10.15
C ASN A 87 7.13 -8.47 9.82
N LYS A 88 7.83 -7.93 8.85
CA LYS A 88 9.15 -8.42 8.48
C LYS A 88 10.11 -7.22 8.46
N ASN A 89 11.27 -7.34 9.09
CA ASN A 89 12.19 -6.23 9.16
C ASN A 89 13.45 -6.51 8.34
N ASP A 90 13.93 -5.48 7.64
CA ASP A 90 15.29 -5.49 7.05
C ASP A 90 15.53 -6.73 6.15
N LEU A 91 14.69 -6.88 5.13
CA LEU A 91 14.81 -8.01 4.18
C LEU A 91 15.68 -7.65 2.98
N THR A 92 16.54 -8.57 2.57
CA THR A 92 17.25 -8.46 1.29
C THR A 92 16.31 -8.61 0.09
N ARG A 93 16.77 -8.24 -1.09
CA ARG A 93 15.95 -8.40 -2.28
C ARG A 93 15.56 -9.88 -2.47
N GLU A 94 16.48 -10.82 -2.22
CA GLU A 94 16.17 -12.24 -2.31
C GLU A 94 15.09 -12.66 -1.30
N GLU A 95 15.21 -12.14 -0.08
CA GLU A 95 14.21 -12.46 0.96
C GLU A 95 12.85 -11.87 0.65
N ILE A 96 12.82 -10.68 0.06
CA ILE A 96 11.51 -10.11 -0.33
C ILE A 96 10.83 -11.00 -1.36
N VAL A 97 11.58 -11.42 -2.37
CA VAL A 97 10.97 -12.24 -3.41
C VAL A 97 10.55 -13.62 -2.85
N GLU A 98 11.38 -14.22 -1.98
CA GLU A 98 11.03 -15.53 -1.40
C GLU A 98 9.79 -15.43 -0.52
N LEU A 99 9.68 -14.32 0.21
CA LEU A 99 8.54 -14.09 1.11
C LEU A 99 7.25 -14.00 0.28
N MET A 100 7.27 -13.16 -0.76
CA MET A 100 6.11 -12.97 -1.60
C MET A 100 5.72 -14.25 -2.30
N ARG A 101 6.72 -14.98 -2.78
CA ARG A 101 6.44 -16.25 -3.44
C ARG A 101 5.74 -17.19 -2.46
N ASP A 102 6.29 -17.31 -1.26
CA ASP A 102 5.74 -18.24 -0.27
C ASP A 102 4.30 -17.84 0.15
N VAL A 103 4.09 -16.54 0.30
CA VAL A 103 2.77 -16.05 0.72
C VAL A 103 1.73 -16.27 -0.37
N SER A 104 2.15 -16.10 -1.62
CA SER A 104 1.23 -16.32 -2.75
C SER A 104 0.89 -17.79 -2.92
N LYS A 105 1.72 -18.67 -2.34
CA LYS A 105 1.46 -20.11 -2.43
C LYS A 105 0.63 -20.68 -1.25
N GLU A 106 0.33 -19.85 -0.26
CA GLU A 106 -0.59 -20.23 0.82
C GLU A 106 -1.98 -20.41 0.27
N ASP A 107 -2.82 -21.15 1.02
CA ASP A 107 -4.24 -21.24 0.69
C ASP A 107 -4.99 -20.06 1.33
N HIS A 108 -5.42 -19.12 0.49
CA HIS A 108 -6.18 -17.98 0.95
C HIS A 108 -7.70 -18.19 0.79
N SER A 109 -8.16 -19.43 0.61
CA SER A 109 -9.57 -19.63 0.28
CA SER A 109 -9.58 -19.68 0.33
C SER A 109 -10.53 -19.09 1.35
N LYS A 110 -10.12 -19.10 2.60
CA LYS A 110 -10.99 -18.61 3.68
C LYS A 110 -10.73 -17.15 4.04
N ARG A 111 -9.95 -16.47 3.20
CA ARG A 111 -9.61 -15.05 3.44
C ARG A 111 -10.32 -14.12 2.46
N SER A 112 -10.77 -12.95 2.93
CA SER A 112 -11.48 -12.00 2.07
C SER A 112 -10.61 -11.21 1.10
N SER A 113 -9.37 -10.99 1.52
CA SER A 113 -8.53 -10.02 0.83
C SER A 113 -7.08 -10.27 1.18
N PHE A 114 -6.20 -9.48 0.58
CA PHE A 114 -4.79 -9.53 0.85
C PHE A 114 -4.25 -8.10 0.88
N VAL A 115 -3.41 -7.81 1.85
CA VAL A 115 -2.77 -6.48 1.98
C VAL A 115 -1.25 -6.66 2.14
N CYS A 116 -0.48 -5.87 1.39
CA CYS A 116 0.96 -5.84 1.51
C CYS A 116 1.38 -4.38 1.65
N VAL A 117 2.16 -4.10 2.69
CA VAL A 117 2.70 -2.75 2.88
C VAL A 117 4.21 -2.76 2.70
N LEU A 118 4.72 -1.86 1.88
CA LEU A 118 6.15 -1.85 1.61
C LEU A 118 6.67 -0.51 2.10
N LEU A 119 7.62 -0.55 3.02
CA LEU A 119 8.23 0.67 3.57
C LEU A 119 9.72 0.61 3.29
N SER A 120 10.21 1.46 2.40
CA SER A 120 11.62 1.38 2.02
C SER A 120 12.01 2.57 1.15
N HIS A 121 13.26 2.59 0.71
CA HIS A 121 13.64 3.47 -0.36
C HIS A 121 13.05 2.95 -1.63
N GLY A 122 12.96 3.82 -2.63
CA GLY A 122 12.38 3.40 -3.89
C GLY A 122 12.71 4.35 -5.02
N GLU A 123 12.41 3.92 -6.23
CA GLU A 123 12.41 4.80 -7.40
C GLU A 123 11.18 4.39 -8.16
N GLU A 124 10.96 5.00 -9.31
CA GLU A 124 9.74 4.66 -10.05
C GLU A 124 9.74 3.16 -10.39
N GLY A 125 8.72 2.45 -9.92
CA GLY A 125 8.53 1.04 -10.23
C GLY A 125 9.39 0.06 -9.43
N ILE A 126 10.11 0.58 -8.45
CA ILE A 126 11.13 -0.18 -7.73
C ILE A 126 11.05 0.03 -6.22
N ILE A 127 11.25 -1.04 -5.45
CA ILE A 127 11.36 -0.92 -4.01
C ILE A 127 12.71 -1.54 -3.62
N PHE A 128 13.40 -0.97 -2.62
CA PHE A 128 14.72 -1.51 -2.29
C PHE A 128 14.69 -2.56 -1.18
N GLY A 129 15.30 -3.71 -1.46
CA GLY A 129 15.73 -4.59 -0.39
C GLY A 129 16.94 -3.97 0.30
N THR A 130 17.40 -4.58 1.38
CA THR A 130 18.52 -4.00 2.12
C THR A 130 19.82 -4.02 1.30
N ASN A 131 19.85 -4.87 0.27
CA ASN A 131 21.07 -4.99 -0.55
C ASN A 131 20.88 -4.66 -2.02
N GLY A 132 19.74 -4.08 -2.39
CA GLY A 132 19.51 -3.79 -3.78
C GLY A 132 18.03 -3.82 -4.15
N PRO A 133 17.72 -3.46 -5.39
CA PRO A 133 16.33 -3.20 -5.78
C PRO A 133 15.52 -4.43 -6.17
N VAL A 134 14.20 -4.31 -5.99
CA VAL A 134 13.24 -5.28 -6.54
C VAL A 134 12.22 -4.55 -7.41
N ASP A 135 11.94 -5.04 -8.61
CA ASP A 135 10.84 -4.44 -9.38
C ASP A 135 9.52 -4.66 -8.66
N LEU A 136 8.71 -3.61 -8.48
CA LEU A 136 7.37 -3.82 -7.91
C LEU A 136 6.56 -4.86 -8.70
N LYS A 137 6.73 -4.89 -10.03
CA LYS A 137 6.01 -5.83 -10.87
C LYS A 137 6.37 -7.28 -10.52
N LYS A 138 7.61 -7.53 -10.12
CA LYS A 138 8.00 -8.91 -9.78
C LYS A 138 7.22 -9.40 -8.54
N ILE A 139 7.09 -8.54 -7.54
CA ILE A 139 6.30 -8.80 -6.32
C ILE A 139 4.81 -8.99 -6.60
N THR A 140 4.20 -8.03 -7.32
CA THR A 140 2.75 -8.12 -7.50
C THR A 140 2.36 -9.26 -8.47
N ASN A 141 3.26 -9.64 -9.39
CA ASN A 141 2.95 -10.72 -10.34
C ASN A 141 2.65 -12.05 -9.63
N PHE A 142 3.22 -12.25 -8.44
CA PHE A 142 2.92 -13.49 -7.69
C PHE A 142 1.42 -13.62 -7.34
N PHE A 143 0.74 -12.49 -7.29
CA PHE A 143 -0.66 -12.45 -6.88
C PHE A 143 -1.64 -12.29 -8.05
N ARG A 144 -1.14 -12.34 -9.29
CA ARG A 144 -2.00 -12.27 -10.47
C ARG A 144 -3.16 -13.29 -10.38
N GLY A 145 -4.27 -12.97 -11.02
CA GLY A 145 -5.47 -13.78 -10.92
C GLY A 145 -5.22 -15.20 -11.38
N ASP A 146 -4.28 -15.38 -12.33
CA ASP A 146 -3.99 -16.73 -12.79
C ASP A 146 -2.89 -17.43 -11.98
N ARG A 147 -2.18 -16.73 -11.10
CA ARG A 147 -1.05 -17.32 -10.36
C ARG A 147 -1.30 -17.54 -8.86
N CYS A 148 -2.28 -16.84 -8.30
CA CYS A 148 -2.71 -17.09 -6.94
C CYS A 148 -4.23 -17.31 -6.99
N ARG A 149 -4.62 -18.57 -7.20
CA ARG A 149 -6.01 -18.84 -7.51
C ARG A 149 -6.94 -18.64 -6.34
N SER A 150 -6.44 -18.77 -5.10
CA SER A 150 -7.32 -18.57 -3.95
C SER A 150 -7.51 -17.09 -3.66
N LEU A 151 -6.87 -16.19 -4.43
CA LEU A 151 -7.21 -14.77 -4.30
C LEU A 151 -7.88 -14.23 -5.56
N THR A 152 -8.11 -15.07 -6.55
CA THR A 152 -8.84 -14.62 -7.76
C THR A 152 -10.20 -14.02 -7.36
N GLY A 153 -10.47 -12.82 -7.86
CA GLY A 153 -11.73 -12.15 -7.56
C GLY A 153 -11.79 -11.43 -6.22
N LYS A 154 -10.70 -11.42 -5.47
CA LYS A 154 -10.61 -10.76 -4.17
C LYS A 154 -9.68 -9.59 -4.25
N PRO A 155 -9.95 -8.57 -3.45
CA PRO A 155 -9.08 -7.39 -3.55
C PRO A 155 -7.66 -7.60 -3.00
N LYS A 156 -6.67 -7.15 -3.78
CA LYS A 156 -5.26 -7.25 -3.42
C LYS A 156 -4.71 -5.82 -3.31
N LEU A 157 -4.36 -5.43 -2.09
CA LEU A 157 -4.00 -4.02 -1.79
C LEU A 157 -2.53 -3.90 -1.53
N PHE A 158 -1.82 -3.04 -2.29
CA PHE A 158 -0.41 -2.81 -2.05
C PHE A 158 -0.28 -1.36 -1.63
N ILE A 159 0.29 -1.16 -0.45
CA ILE A 159 0.43 0.19 0.09
C ILE A 159 1.91 0.47 0.09
N ILE A 160 2.34 1.54 -0.60
CA ILE A 160 3.78 1.68 -0.89
C ILE A 160 4.29 3.04 -0.44
N GLN A 161 5.05 3.04 0.64
CA GLN A 161 5.73 4.25 1.13
C GLN A 161 7.19 4.18 0.64
N ALA A 162 7.48 4.92 -0.40
CA ALA A 162 8.81 4.93 -1.03
C ALA A 162 8.81 6.05 -2.05
N CYS A 163 10.01 6.56 -2.35
CA CYS A 163 10.08 7.51 -3.44
C CYS A 163 9.76 6.92 -4.80
N ARG A 164 9.34 7.77 -5.73
CA ARG A 164 9.06 7.35 -7.10
C ARG A 164 9.88 8.18 -8.08
N GLY A 165 10.96 8.78 -7.59
CA GLY A 165 11.69 9.71 -8.43
C GLY A 165 12.27 10.82 -7.58
N THR A 166 12.78 11.86 -8.22
CA THR A 166 13.46 12.93 -7.51
C THR A 166 12.83 14.28 -7.77
N GLU A 167 11.61 14.30 -8.26
CA GLU A 167 10.95 15.59 -8.41
C GLU A 167 10.44 16.10 -7.07
N LEU A 168 10.40 17.43 -6.92
CA LEU A 168 9.91 18.08 -5.71
C LEU A 168 8.73 18.98 -6.10
N ASP A 169 7.67 18.93 -5.32
CA ASP A 169 6.44 19.70 -5.58
C ASP A 169 6.54 21.02 -4.79
N CYS A 170 6.62 22.13 -5.49
CA CYS A 170 6.83 23.42 -4.83
CA CYS A 170 6.82 23.46 -4.88
C CYS A 170 5.52 23.99 -4.26
N GLY A 171 4.40 23.40 -4.68
CA GLY A 171 3.10 23.83 -4.18
C GLY A 171 2.61 25.16 -4.74
N ILE A 172 1.38 25.53 -4.39
CA ILE A 172 0.83 26.84 -4.75
C ILE A 172 -0.02 27.34 -3.61
N GLU A 173 0.13 28.62 -3.24
CA GLU A 173 -0.67 29.16 -2.14
C GLU A 173 -2.15 29.14 -2.49
N THR A 174 -2.99 28.89 -1.50
CA THR A 174 -4.41 28.58 -1.73
C THR A 174 -5.32 29.60 -1.08
N GLY A 177 -20.26 -8.59 -32.68
CA GLY A 177 -20.52 -9.14 -31.38
C GLY A 177 -19.49 -10.19 -31.03
N VAL A 178 -18.38 -10.19 -31.76
CA VAL A 178 -17.30 -11.14 -31.49
C VAL A 178 -16.64 -10.93 -30.16
N ASP A 179 -16.67 -9.69 -29.66
CA ASP A 179 -15.96 -9.39 -28.44
C ASP A 179 -16.88 -9.32 -27.23
N ASP A 180 -18.12 -9.82 -27.38
CA ASP A 180 -19.16 -9.76 -26.33
C ASP A 180 -19.89 -11.09 -26.08
N ASP A 181 -20.28 -11.29 -24.80
CA ASP A 181 -21.06 -12.44 -24.34
C ASP A 181 -20.29 -13.75 -24.52
N MET A 182 -19.06 -13.79 -24.01
CA MET A 182 -18.24 -15.00 -24.15
C MET A 182 -18.81 -16.16 -23.33
N ALA A 183 -18.80 -17.35 -23.92
CA ALA A 183 -19.36 -18.54 -23.27
C ALA A 183 -18.67 -18.87 -21.95
N CYS A 184 -17.34 -18.83 -21.93
CA CYS A 184 -16.58 -19.03 -20.70
C CYS A 184 -16.11 -17.69 -20.13
N HIS A 185 -16.58 -17.35 -18.93
CA HIS A 185 -16.27 -16.03 -18.41
C HIS A 185 -14.87 -16.00 -17.81
N LYS A 186 -14.11 -15.00 -18.21
CA LYS A 186 -12.78 -14.80 -17.71
C LYS A 186 -12.73 -13.39 -17.12
N ILE A 187 -11.79 -13.17 -16.23
CA ILE A 187 -11.45 -11.80 -15.83
C ILE A 187 -9.99 -11.54 -16.16
N PRO A 188 -9.60 -10.25 -16.25
CA PRO A 188 -8.20 -9.96 -16.52
C PRO A 188 -7.31 -10.40 -15.35
N VAL A 189 -6.09 -10.81 -15.62
CA VAL A 189 -5.22 -11.21 -14.51
C VAL A 189 -4.74 -10.01 -13.69
N GLU A 190 -4.82 -8.81 -14.26
CA GLU A 190 -4.44 -7.62 -13.52
C GLU A 190 -5.63 -6.98 -12.77
N ALA A 191 -6.83 -7.55 -12.89
CA ALA A 191 -7.99 -7.02 -12.15
C ALA A 191 -7.86 -7.24 -10.64
N ASP A 192 -8.52 -6.38 -9.90
CA ASP A 192 -8.72 -6.49 -8.45
C ASP A 192 -7.44 -6.19 -7.65
N PHE A 193 -6.57 -5.38 -8.22
CA PHE A 193 -5.45 -4.79 -7.50
C PHE A 193 -5.75 -3.34 -7.20
N LEU A 194 -5.25 -2.88 -6.07
CA LEU A 194 -5.27 -1.44 -5.75
C LEU A 194 -3.85 -1.14 -5.26
N TYR A 195 -3.26 -0.07 -5.80
CA TYR A 195 -1.94 0.37 -5.34
C TYR A 195 -2.14 1.75 -4.69
N ALA A 196 -1.86 1.86 -3.39
CA ALA A 196 -1.98 3.16 -2.72
C ALA A 196 -0.56 3.68 -2.59
N TYR A 197 -0.16 4.54 -3.51
CA TYR A 197 1.21 5.06 -3.50
C TYR A 197 1.28 6.31 -2.63
N SER A 198 2.38 6.48 -1.90
CA SER A 198 2.52 7.66 -1.02
C SER A 198 2.67 8.97 -1.76
N THR A 199 3.02 8.91 -3.03
CA THR A 199 3.37 10.12 -3.77
C THR A 199 3.06 9.92 -5.27
N ALA A 200 2.99 11.04 -5.97
CA ALA A 200 2.78 11.06 -7.41
C ALA A 200 3.95 10.43 -8.18
N PRO A 201 3.68 9.88 -9.36
CA PRO A 201 4.80 9.34 -10.18
C PRO A 201 5.90 10.36 -10.42
N GLY A 202 7.15 9.95 -10.22
CA GLY A 202 8.28 10.83 -10.47
C GLY A 202 8.76 11.63 -9.26
N TYR A 203 7.99 11.64 -8.16
CA TYR A 203 8.28 12.51 -7.01
C TYR A 203 8.91 11.83 -5.80
N TYR A 204 9.63 12.64 -5.02
CA TYR A 204 10.06 12.20 -3.70
C TYR A 204 8.85 11.97 -2.80
N SER A 205 9.07 11.16 -1.77
CA SER A 205 8.10 10.94 -0.71
C SER A 205 8.75 11.36 0.60
N TRP A 206 8.00 12.00 1.48
CA TRP A 206 8.60 12.57 2.70
C TRP A 206 8.32 11.77 3.99
N ARG A 207 9.30 11.79 4.88
CA ARG A 207 9.25 11.05 6.13
C ARG A 207 9.78 11.88 7.28
N ASN A 208 8.99 12.00 8.35
CA ASN A 208 9.46 12.68 9.54
C ASN A 208 10.21 11.67 10.44
N SER A 209 11.38 12.05 10.94
CA SER A 209 12.23 11.14 11.72
CA SER A 209 12.22 11.13 11.70
C SER A 209 11.57 10.67 13.00
N LYS A 210 10.73 11.51 13.58
CA LYS A 210 10.08 11.22 14.85
C LYS A 210 8.67 10.66 14.69
N ASP A 211 7.93 11.14 13.70
CA ASP A 211 6.51 10.86 13.59
C ASP A 211 6.19 9.81 12.51
N GLY A 212 7.18 9.50 11.67
CA GLY A 212 6.92 8.60 10.55
C GLY A 212 6.60 9.34 9.26
N SER A 213 6.29 8.57 8.24
CA SER A 213 6.06 9.16 6.92
C SER A 213 4.73 9.87 6.90
N TRP A 214 4.67 10.99 6.18
CA TRP A 214 3.43 11.74 6.06
C TRP A 214 2.25 10.85 5.64
N PHE A 215 2.52 10.04 4.63
CA PHE A 215 1.48 9.21 4.04
C PHE A 215 0.98 8.15 5.03
N ILE A 216 1.89 7.44 5.69
CA ILE A 216 1.45 6.35 6.55
C ILE A 216 0.74 6.92 7.77
N GLN A 217 1.26 8.03 8.31
CA GLN A 217 0.58 8.72 9.41
C GLN A 217 -0.86 8.98 9.05
N SER A 218 -1.05 9.57 7.86
CA SER A 218 -2.36 10.00 7.42
C SER A 218 -3.28 8.81 7.12
N LEU A 219 -2.72 7.81 6.48
CA LEU A 219 -3.49 6.59 6.15
C LEU A 219 -4.03 5.94 7.41
N CYS A 220 -3.16 5.77 8.42
CA CYS A 220 -3.60 5.14 9.65
C CYS A 220 -4.65 5.96 10.34
N ALA A 221 -4.48 7.28 10.34
CA ALA A 221 -5.46 8.16 10.99
C ALA A 221 -6.83 8.05 10.31
N MET A 222 -6.82 7.99 8.98
CA MET A 222 -8.09 7.99 8.27
C MET A 222 -8.75 6.61 8.36
N LEU A 223 -7.96 5.54 8.38
CA LEU A 223 -8.56 4.22 8.55
C LEU A 223 -9.16 4.08 9.96
N LYS A 224 -8.46 4.60 10.98
CA LYS A 224 -9.00 4.59 12.33
C LYS A 224 -10.33 5.32 12.43
N GLN A 225 -10.44 6.43 11.73
CA GLN A 225 -11.62 7.28 11.86
C GLN A 225 -12.78 6.80 10.97
N TYR A 226 -12.46 6.26 9.81
CA TYR A 226 -13.50 6.05 8.81
C TYR A 226 -13.69 4.61 8.30
N ALA A 227 -12.90 3.63 8.74
CA ALA A 227 -13.06 2.29 8.18
C ALA A 227 -14.43 1.66 8.48
N ASP A 228 -15.10 2.07 9.57
CA ASP A 228 -16.42 1.51 9.81
C ASP A 228 -17.53 2.37 9.19
N LYS A 229 -17.16 3.34 8.34
CA LYS A 229 -18.08 4.37 7.83
C LYS A 229 -18.04 4.61 6.31
N LEU A 230 -16.87 4.47 5.69
CA LEU A 230 -16.68 4.88 4.30
C LEU A 230 -16.09 3.79 3.45
N GLU A 231 -16.45 3.81 2.17
CA GLU A 231 -15.81 2.95 1.18
C GLU A 231 -14.34 3.32 1.04
N PHE A 232 -13.48 2.33 0.73
CA PHE A 232 -12.03 2.54 0.82
C PHE A 232 -11.53 3.63 -0.09
N MET A 233 -12.10 3.77 -1.30
CA MET A 233 -11.60 4.83 -2.19
C MET A 233 -11.89 6.19 -1.57
N HIS A 234 -13.01 6.29 -0.86
CA HIS A 234 -13.33 7.56 -0.22
C HIS A 234 -12.44 7.79 0.98
N ILE A 235 -12.00 6.73 1.68
CA ILE A 235 -11.02 6.89 2.74
C ILE A 235 -9.72 7.39 2.16
N LEU A 236 -9.30 6.78 1.06
CA LEU A 236 -7.99 7.18 0.48
C LEU A 236 -8.05 8.62 -0.06
N THR A 237 -9.23 9.05 -0.46
CA THR A 237 -9.37 10.44 -0.92
C THR A 237 -9.16 11.42 0.25
N ARG A 238 -9.69 11.07 1.41
CA ARG A 238 -9.42 11.87 2.64
C ARG A 238 -7.92 11.83 3.02
N VAL A 239 -7.26 10.68 2.84
CA VAL A 239 -5.80 10.59 3.00
C VAL A 239 -5.08 11.56 2.03
N ASN A 240 -5.47 11.57 0.77
CA ASN A 240 -4.91 12.54 -0.19
C ASN A 240 -5.04 13.96 0.34
N ARG A 241 -6.24 14.31 0.80
CA ARG A 241 -6.49 15.69 1.26
C ARG A 241 -5.63 16.03 2.51
N LYS A 242 -5.51 15.07 3.42
CA LYS A 242 -4.76 15.31 4.65
CA LYS A 242 -4.75 15.29 4.64
C LYS A 242 -3.28 15.52 4.34
N VAL A 243 -2.70 14.65 3.51
CA VAL A 243 -1.29 14.81 3.14
C VAL A 243 -1.08 16.10 2.37
N ALA A 244 -1.98 16.41 1.45
CA ALA A 244 -1.84 17.62 0.61
C ALA A 244 -1.93 18.94 1.35
N THR A 245 -2.76 18.96 2.38
CA THR A 245 -3.04 20.21 3.04
C THR A 245 -2.27 20.39 4.35
N GLU A 246 -2.02 19.31 5.08
CA GLU A 246 -1.49 19.45 6.45
C GLU A 246 0.03 19.40 6.58
N PHE A 247 0.72 19.00 5.53
CA PHE A 247 2.19 18.84 5.63
C PHE A 247 2.96 19.72 4.65
N GLU A 248 4.09 20.28 5.08
CA GLU A 248 4.99 20.96 4.16
C GLU A 248 6.42 20.75 4.67
N SER A 249 7.40 20.57 3.79
CA SER A 249 8.74 20.30 4.30
C SER A 249 9.41 21.55 4.84
N PHE A 250 10.37 21.32 5.74
CA PHE A 250 11.20 22.40 6.31
C PHE A 250 12.64 21.92 6.17
N SER A 251 13.51 22.72 5.57
CA SER A 251 14.87 22.26 5.39
C SER A 251 15.80 23.45 5.43
N PHE A 252 16.97 23.24 6.01
CA PHE A 252 18.01 24.28 5.92
C PHE A 252 18.57 24.43 4.49
N ASP A 253 18.35 23.38 3.69
CA ASP A 253 18.73 23.36 2.26
C ASP A 253 17.57 23.90 1.42
N ALA A 254 17.77 25.07 0.80
CA ALA A 254 16.67 25.67 0.05
C ALA A 254 16.08 24.74 -1.02
N THR A 255 16.89 23.85 -1.61
CA THR A 255 16.38 22.89 -2.61
C THR A 255 15.23 22.04 -2.08
N PHE A 256 15.31 21.72 -0.79
CA PHE A 256 14.36 20.77 -0.20
C PHE A 256 13.35 21.43 0.73
N HIS A 257 13.38 22.75 0.79
CA HIS A 257 12.49 23.48 1.69
C HIS A 257 11.15 23.87 1.06
N ALA A 258 10.11 23.81 1.90
CA ALA A 258 8.77 24.29 1.59
C ALA A 258 8.13 23.48 0.47
N LYS A 259 8.38 22.17 0.50
CA LYS A 259 7.82 21.29 -0.54
C LYS A 259 6.58 20.52 -0.06
N LYS A 260 5.80 20.05 -1.05
CA LYS A 260 4.50 19.46 -0.79
C LYS A 260 4.44 18.04 -1.33
N GLN A 261 3.37 17.31 -0.98
CA GLN A 261 3.21 15.93 -1.44
C GLN A 261 1.77 15.62 -1.69
N ILE A 262 1.50 14.88 -2.76
CA ILE A 262 0.14 14.34 -2.97
C ILE A 262 0.26 12.85 -3.25
N PRO A 263 -0.46 12.03 -2.49
CA PRO A 263 -0.42 10.59 -2.76
C PRO A 263 -1.18 10.26 -4.05
N CYS A 264 -1.07 9.02 -4.49
CA CYS A 264 -1.58 8.68 -5.81
C CYS A 264 -2.27 7.33 -5.67
N ILE A 265 -3.61 7.32 -5.83
CA ILE A 265 -4.39 6.09 -5.74
C ILE A 265 -4.47 5.46 -7.12
N VAL A 266 -4.11 4.19 -7.25
CA VAL A 266 -4.16 3.55 -8.56
C VAL A 266 -5.06 2.33 -8.44
N SER A 267 -6.26 2.41 -9.01
CA SER A 267 -7.21 1.33 -8.77
C SER A 267 -7.59 0.55 -10.00
N MET A 268 -7.34 -0.76 -9.94
CA MET A 268 -7.89 -1.73 -10.87
C MET A 268 -8.93 -2.55 -10.19
N LEU A 269 -9.52 -2.03 -9.11
CA LEU A 269 -10.59 -2.79 -8.46
C LEU A 269 -11.83 -2.83 -9.33
N THR A 270 -12.67 -3.85 -9.14
CA THR A 270 -13.90 -3.96 -9.95
C THR A 270 -15.17 -3.82 -9.11
N LYS A 271 -15.00 -3.65 -7.80
CA LYS A 271 -16.11 -3.48 -6.87
C LYS A 271 -15.73 -2.47 -5.77
N GLU A 272 -16.73 -1.96 -5.07
CA GLU A 272 -16.52 -1.18 -3.86
C GLU A 272 -15.96 -2.04 -2.75
N LEU A 273 -15.10 -1.47 -1.91
CA LEU A 273 -14.49 -2.22 -0.84
CA LEU A 273 -14.46 -2.20 -0.84
C LEU A 273 -14.81 -1.58 0.49
N TYR A 274 -15.53 -2.30 1.35
CA TYR A 274 -15.83 -1.83 2.72
C TYR A 274 -15.13 -2.77 3.65
N PHE A 275 -14.50 -2.25 4.71
CA PHE A 275 -13.83 -3.16 5.65
C PHE A 275 -14.81 -3.87 6.59
N TYR A 276 -16.02 -3.36 6.68
CA TYR A 276 -17.05 -3.95 7.51
C TYR A 276 -18.04 -4.73 6.66
N HIS A 277 -18.88 -5.52 7.35
CA HIS A 277 -19.97 -6.26 6.71
C HIS A 277 -21.17 -6.26 7.59
N GLN A 278 -22.31 -6.66 7.02
CA GLN A 278 -23.54 -6.80 7.80
C GLN A 278 -23.56 -8.07 8.64
N LEU A 279 -23.80 -7.92 9.95
CA LEU A 279 -23.70 -9.03 10.93
C LEU A 279 -24.55 -10.24 10.55
C ACE B 1 13.14 15.36 10.25
O ACE B 1 12.28 14.48 10.42
CH3 ACE B 1 14.04 15.72 11.40
N LEU B 2 13.55 15.70 9.05
CA LEU B 2 12.76 15.37 7.87
C LEU B 2 13.67 14.78 6.78
N GLU B 3 13.28 13.63 6.25
CA GLU B 3 14.07 12.89 5.26
C GLU B 3 13.20 12.48 4.08
N THR B 4 13.82 12.09 2.97
CA THR B 4 13.09 11.58 1.81
C THR B 4 13.38 10.10 1.63
N ASA B 5 12.43 9.40 1.04
CA ASA B 5 12.57 7.99 0.68
C ASA B 5 12.84 7.83 -0.78
O ASA B 5 12.92 6.71 -1.28
CB ASA B 5 11.22 7.34 1.01
CG ASA B 5 11.19 6.91 2.50
OD1 ASA B 5 12.27 6.76 3.15
OD2 ASA B 5 10.11 6.71 3.11
#